data_2FVG
#
_entry.id   2FVG
#
_cell.length_a   63.150
_cell.length_b   67.540
_cell.length_c   82.780
_cell.angle_alpha   90.00
_cell.angle_beta   90.00
_cell.angle_gamma   90.00
#
_symmetry.space_group_name_H-M   'P 21 21 21'
#
loop_
_entity.id
_entity.type
_entity.pdbx_description
1 polymer endoglucanase
2 non-polymer 1,2-ETHANEDIOL
3 water water
#
_entity_poly.entity_id   1
_entity_poly.type   'polypeptide(L)'
_entity_poly.pdbx_seq_one_letter_code
;G(MSE)YLKELS(MSE)(MSE)PGVSGDEGKVRDFIKSKIEGLVDNLYTDVLGNLIALKRGRDSSKKLLVSAH(MSE)DE
VGFVVSKIEKDGKVSFLPVGGVDPRILPGKVVQVKNLKGVIGYRPIHLQRDEENTPPRFENLRIDFGFSSADEAKKYVSI
GDYVSFVSDYIEKNGRAVGKAFDDRAGCSVLIDVLESGVSPAYDTYFVFTVQEETGLRGSAVVVEQLKPTCAIVVETTTA
GDNPELEERKWATHLGDGPAITFYHRGYVIPKEIFQTIVDTAKNNDIPFQ(MSE)KRRTAGGTDAGRYARTAYGVPAGVI
STPARYIHSPNSIIDLNDYENTKKLIKVLVEEGKIVEVVS
;
_entity_poly.pdbx_strand_id   A
#
# COMPACT_ATOMS: atom_id res chain seq x y z
N GLY A 1 -1.03 -11.68 15.26
CA GLY A 1 -1.57 -12.36 14.05
C GLY A 1 -1.39 -11.49 12.82
N TYR A 3 -3.06 -8.11 10.54
CA TYR A 3 -3.82 -6.90 10.70
C TYR A 3 -4.33 -6.34 9.42
N LEU A 4 -4.46 -7.18 8.40
CA LEU A 4 -4.96 -6.71 7.13
C LEU A 4 -6.32 -6.06 7.29
N LYS A 5 -7.19 -6.65 8.11
CA LYS A 5 -8.51 -6.07 8.31
C LYS A 5 -8.40 -4.65 8.84
N GLU A 6 -7.58 -4.42 9.87
CA GLU A 6 -7.48 -3.03 10.37
C GLU A 6 -6.77 -2.13 9.37
N LEU A 7 -5.69 -2.62 8.75
CA LEU A 7 -4.92 -1.83 7.79
C LEU A 7 -5.79 -1.39 6.63
N SER A 8 -6.51 -2.34 6.06
CA SER A 8 -7.42 -2.06 4.96
C SER A 8 -8.48 -1.01 5.28
N PRO A 11 -8.42 4.82 7.74
CA PRO A 11 -8.19 5.90 6.82
C PRO A 11 -6.73 6.37 6.85
N GLY A 12 -6.17 6.63 5.67
CA GLY A 12 -4.79 7.12 5.50
C GLY A 12 -4.53 7.61 4.08
N VAL A 13 -5.24 8.66 3.70
CA VAL A 13 -5.11 9.23 2.39
C VAL A 13 -3.73 9.86 2.29
N SER A 14 -3.19 9.95 1.07
CA SER A 14 -1.87 10.55 0.82
C SER A 14 -1.76 11.91 1.45
N GLY A 15 -0.74 12.14 2.25
CA GLY A 15 -0.58 13.44 2.92
C GLY A 15 -1.17 13.40 4.32
N ASP A 16 -1.88 12.32 4.64
CA ASP A 16 -2.53 12.19 5.95
C ASP A 16 -2.39 10.78 6.49
N GLU A 17 -1.18 10.24 6.49
CA GLU A 17 -0.94 8.85 6.93
C GLU A 17 -0.67 8.62 8.41
N GLY A 18 -0.93 9.62 9.26
CA GLY A 18 -0.62 9.53 10.69
C GLY A 18 -1.20 8.37 11.47
N LYS A 19 -2.51 8.12 11.31
CA LYS A 19 -3.15 7.04 12.01
C LYS A 19 -2.59 5.70 11.56
N VAL A 20 -2.37 5.54 10.24
CA VAL A 20 -1.78 4.30 9.74
C VAL A 20 -0.38 4.11 10.31
N ARG A 21 0.43 5.18 10.29
CA ARG A 21 1.80 5.13 10.83
C ARG A 21 1.77 4.77 12.32
N ASP A 22 0.89 5.40 13.09
CA ASP A 22 0.76 5.09 14.52
C ASP A 22 0.37 3.64 14.76
N PHE A 23 -0.53 3.11 13.92
CA PHE A 23 -0.96 1.74 14.06
C PHE A 23 0.21 0.78 13.84
N ILE A 24 0.88 0.92 12.71
CA ILE A 24 2.02 0.06 12.37
C ILE A 24 3.08 0.08 13.47
N LYS A 25 3.40 1.30 13.93
CA LYS A 25 4.34 1.52 15.04
C LYS A 25 3.95 0.68 16.27
N SER A 26 2.69 0.76 16.69
CA SER A 26 2.23 -0.02 17.85
C SER A 26 2.41 -1.52 17.67
N LYS A 27 2.36 -1.99 16.43
CA LYS A 27 2.51 -3.42 16.16
C LYS A 27 3.96 -3.90 16.01
N ILE A 28 4.85 -3.02 15.59
CA ILE A 28 6.25 -3.45 15.36
C ILE A 28 7.31 -2.94 16.34
N GLU A 29 6.95 -2.00 17.22
CA GLU A 29 7.88 -1.45 18.23
C GLU A 29 8.76 -2.48 18.92
N GLY A 30 8.14 -3.54 19.45
CA GLY A 30 8.90 -4.55 20.16
C GLY A 30 9.43 -5.66 19.29
N LEU A 31 9.40 -5.45 17.98
CA LEU A 31 9.87 -6.45 17.03
C LEU A 31 11.15 -6.04 16.30
N VAL A 32 11.45 -4.75 16.37
CA VAL A 32 12.59 -4.18 15.67
C VAL A 32 13.68 -3.67 16.63
N ASP A 33 14.87 -3.40 16.10
CA ASP A 33 15.99 -2.94 16.91
C ASP A 33 15.96 -1.42 17.03
N ASN A 34 15.50 -0.77 15.98
CA ASN A 34 15.35 0.66 15.99
C ASN A 34 14.13 1.01 15.16
N LEU A 35 13.44 2.06 15.54
CA LEU A 35 12.25 2.52 14.84
C LEU A 35 12.09 4.02 14.98
N TYR A 36 12.02 4.73 13.86
CA TYR A 36 11.80 6.17 13.91
C TYR A 36 11.03 6.67 12.71
N THR A 37 10.48 7.87 12.84
CA THR A 37 9.79 8.54 11.75
C THR A 37 10.77 9.58 11.20
N ASP A 38 11.12 9.49 9.91
CA ASP A 38 12.02 10.47 9.32
C ASP A 38 11.29 11.80 9.18
N VAL A 39 11.94 12.81 8.62
CA VAL A 39 11.35 14.16 8.51
C VAL A 39 10.12 14.30 7.58
N LEU A 40 9.97 13.41 6.61
CA LEU A 40 8.82 13.46 5.69
C LEU A 40 7.62 12.67 6.22
N GLY A 41 7.88 11.75 7.15
CA GLY A 41 6.82 10.98 7.75
C GLY A 41 6.94 9.49 7.52
N ASN A 42 8.00 9.07 6.82
CA ASN A 42 8.23 7.66 6.56
C ASN A 42 8.56 6.99 7.87
N LEU A 43 8.04 5.77 8.04
CA LEU A 43 8.33 5.01 9.24
C LEU A 43 9.45 4.07 8.87
N ILE A 44 10.56 4.15 9.60
CA ILE A 44 11.74 3.36 9.29
C ILE A 44 12.05 2.43 10.44
N ALA A 45 11.98 1.14 10.17
CA ALA A 45 12.22 0.12 11.18
C ALA A 45 13.46 -0.59 10.78
N LEU A 46 14.35 -0.84 11.75
CA LEU A 46 15.59 -1.56 11.49
C LEU A 46 15.66 -2.91 12.18
N LYS A 47 16.01 -3.93 11.42
CA LYS A 47 16.23 -5.23 11.99
C LYS A 47 17.68 -5.54 11.62
N ARG A 48 18.59 -5.44 12.59
CA ARG A 48 20.00 -5.68 12.34
C ARG A 48 20.21 -7.14 11.93
N GLY A 49 21.20 -7.38 11.09
CA GLY A 49 21.45 -8.72 10.61
C GLY A 49 22.72 -9.27 11.16
N ARG A 50 23.14 -10.43 10.65
CA ARG A 50 24.39 -11.02 11.09
C ARG A 50 25.53 -10.14 10.63
N ASP A 51 25.36 -9.52 9.44
CA ASP A 51 26.39 -8.70 8.82
C ASP A 51 25.90 -7.26 8.57
N SER A 52 26.50 -6.31 9.27
CA SER A 52 26.13 -4.91 9.12
C SER A 52 26.93 -4.12 8.08
N SER A 53 27.69 -4.82 7.24
CA SER A 53 28.52 -4.13 6.24
C SER A 53 27.73 -3.67 5.03
N LYS A 54 26.54 -4.27 4.87
CA LYS A 54 25.61 -3.95 3.78
C LYS A 54 24.20 -3.82 4.38
N LYS A 55 23.34 -3.11 3.68
CA LYS A 55 21.99 -2.86 4.14
C LYS A 55 20.98 -3.23 3.05
N LEU A 56 19.90 -3.92 3.45
CA LEU A 56 18.83 -4.25 2.54
C LEU A 56 17.68 -3.35 2.92
N LEU A 57 17.02 -2.80 1.93
CA LEU A 57 15.84 -1.94 2.17
C LEU A 57 14.59 -2.65 1.63
N VAL A 58 13.56 -2.79 2.46
CA VAL A 58 12.32 -3.45 2.01
C VAL A 58 11.20 -2.44 2.26
N SER A 59 10.47 -2.03 1.24
CA SER A 59 9.45 -1.00 1.50
C SER A 59 8.00 -1.23 1.02
N ALA A 60 7.05 -0.57 1.69
CA ALA A 60 5.63 -0.61 1.31
C ALA A 60 5.06 0.79 1.54
N HIS A 61 3.99 1.16 0.82
CA HIS A 61 3.37 2.49 0.95
C HIS A 61 2.15 2.46 1.84
N ASP A 63 0.00 5.12 2.07
CA ASP A 63 -1.06 5.99 1.57
C ASP A 63 -2.09 5.33 0.63
N GLU A 64 -3.27 5.94 0.56
CA GLU A 64 -4.33 5.46 -0.32
C GLU A 64 -4.93 6.66 -1.07
N VAL A 65 -5.70 6.40 -2.12
CA VAL A 65 -6.39 7.45 -2.84
C VAL A 65 -7.54 8.01 -1.99
N GLY A 66 -7.87 9.30 -2.18
CA GLY A 66 -8.93 9.92 -1.38
C GLY A 66 -9.29 11.29 -1.91
N PHE A 67 -9.72 12.16 -1.00
CA PHE A 67 -10.15 13.50 -1.37
C PHE A 67 -9.77 14.46 -0.26
N VAL A 68 -10.02 15.74 -0.50
CA VAL A 68 -9.75 16.77 0.49
C VAL A 68 -10.92 17.76 0.43
N VAL A 69 -11.35 18.25 1.59
CA VAL A 69 -12.46 19.18 1.67
C VAL A 69 -11.97 20.52 1.16
N SER A 70 -12.54 20.91 0.03
CA SER A 70 -12.15 22.17 -0.58
C SER A 70 -13.10 23.30 -0.22
N LYS A 71 -14.34 22.96 0.15
CA LYS A 71 -15.31 23.99 0.51
C LYS A 71 -16.52 23.46 1.29
N ILE A 72 -17.01 24.29 2.21
CA ILE A 72 -18.19 23.97 2.98
C ILE A 72 -19.30 24.87 2.50
N GLU A 73 -20.32 24.26 1.89
CA GLU A 73 -21.45 25.01 1.31
C GLU A 73 -22.39 25.54 2.37
N LYS A 74 -23.13 26.61 2.03
CA LYS A 74 -24.05 27.21 3.00
C LYS A 74 -25.20 26.28 3.41
N ASP A 75 -25.37 25.19 2.67
CA ASP A 75 -26.44 24.25 3.00
C ASP A 75 -25.91 23.03 3.80
N GLY A 76 -24.62 23.05 4.11
CA GLY A 76 -24.00 21.99 4.91
C GLY A 76 -23.31 20.92 4.13
N LYS A 77 -23.50 20.92 2.81
CA LYS A 77 -22.82 19.96 1.96
C LYS A 77 -21.40 20.44 1.77
N VAL A 78 -20.50 19.53 1.42
CA VAL A 78 -19.10 19.93 1.18
C VAL A 78 -18.64 19.55 -0.22
N SER A 79 -17.81 20.42 -0.81
CA SER A 79 -17.16 20.19 -2.09
C SER A 79 -15.81 19.56 -1.77
N PHE A 80 -15.28 18.81 -2.71
CA PHE A 80 -14.01 18.10 -2.49
C PHE A 80 -13.19 18.00 -3.78
N LEU A 81 -11.90 17.78 -3.62
CA LEU A 81 -11.01 17.63 -4.74
C LEU A 81 -10.27 16.32 -4.52
N PRO A 82 -9.98 15.57 -5.61
CA PRO A 82 -9.29 14.28 -5.53
C PRO A 82 -7.86 14.36 -5.03
N VAL A 83 -7.39 13.28 -4.42
CA VAL A 83 -6.02 13.15 -3.96
C VAL A 83 -5.60 11.78 -4.50
N GLY A 84 -5.01 11.77 -5.68
CA GLY A 84 -4.63 10.53 -6.35
C GLY A 84 -5.51 10.40 -7.58
N GLY A 85 -5.50 9.22 -8.20
CA GLY A 85 -6.28 8.99 -9.42
C GLY A 85 -7.67 8.46 -9.12
N VAL A 86 -8.70 9.29 -9.35
CA VAL A 86 -10.07 8.90 -9.10
C VAL A 86 -10.96 9.31 -10.26
N ASP A 87 -11.77 8.38 -10.74
CA ASP A 87 -12.72 8.63 -11.83
C ASP A 87 -14.03 9.13 -11.20
N PRO A 88 -14.34 10.43 -11.37
CA PRO A 88 -15.54 10.99 -10.76
C PRO A 88 -16.84 10.34 -11.21
N ARG A 89 -16.82 9.67 -12.36
CA ARG A 89 -18.00 9.01 -12.92
C ARG A 89 -18.60 7.94 -12.02
N ILE A 90 -17.75 7.23 -11.27
CA ILE A 90 -18.19 6.16 -10.36
C ILE A 90 -18.42 6.60 -8.90
N LEU A 91 -18.29 7.90 -8.62
CA LEU A 91 -18.43 8.41 -7.25
C LEU A 91 -19.84 8.58 -6.68
N PRO A 92 -20.83 8.99 -7.52
CA PRO A 92 -22.17 9.12 -6.95
C PRO A 92 -22.61 7.88 -6.15
N GLY A 93 -23.11 8.10 -4.95
CA GLY A 93 -23.56 7.03 -4.06
C GLY A 93 -22.49 6.39 -3.18
N LYS A 94 -21.22 6.75 -3.37
CA LYS A 94 -20.12 6.19 -2.56
C LYS A 94 -20.09 6.76 -1.14
N VAL A 95 -19.82 5.90 -0.17
CA VAL A 95 -19.72 6.34 1.23
C VAL A 95 -18.27 6.70 1.57
N VAL A 96 -18.12 7.84 2.23
CA VAL A 96 -16.81 8.35 2.56
C VAL A 96 -16.83 8.82 4.00
N GLN A 97 -15.67 9.17 4.54
CA GLN A 97 -15.64 9.66 5.91
C GLN A 97 -14.63 10.76 6.11
N VAL A 98 -14.92 11.68 7.03
CA VAL A 98 -14.03 12.78 7.37
C VAL A 98 -14.03 12.79 8.88
N LYS A 99 -12.86 12.65 9.48
CA LYS A 99 -12.71 12.56 10.92
C LYS A 99 -13.82 11.75 11.58
N ASN A 100 -13.94 10.49 11.12
CA ASN A 100 -14.91 9.53 11.67
C ASN A 100 -16.39 9.86 11.48
N LEU A 101 -16.69 10.86 10.65
CA LEU A 101 -18.05 11.25 10.34
C LEU A 101 -18.35 10.71 8.94
N LYS A 102 -19.31 9.79 8.83
CA LYS A 102 -19.66 9.18 7.53
C LYS A 102 -20.55 10.06 6.64
N GLY A 103 -20.28 10.03 5.34
CA GLY A 103 -21.06 10.80 4.37
C GLY A 103 -21.24 10.05 3.08
N VAL A 104 -22.05 10.60 2.18
CA VAL A 104 -22.27 9.96 0.88
C VAL A 104 -22.16 10.97 -0.24
N ILE A 105 -21.38 10.61 -1.24
CA ILE A 105 -21.22 11.45 -2.41
C ILE A 105 -22.46 11.37 -3.30
N GLY A 106 -22.86 12.53 -3.82
CA GLY A 106 -24.01 12.62 -4.70
C GLY A 106 -23.85 13.85 -5.58
N TYR A 107 -24.79 14.06 -6.49
CA TYR A 107 -24.75 15.25 -7.35
C TYR A 107 -25.23 16.47 -6.55
N ARG A 108 -24.92 17.66 -7.06
CA ARG A 108 -25.35 18.89 -6.40
C ARG A 108 -26.78 19.22 -6.84
N PRO A 109 -27.63 19.70 -5.91
CA PRO A 109 -29.02 20.02 -6.26
C PRO A 109 -29.16 21.33 -7.05
N PRO A 121 -19.43 14.88 -15.82
CA PRO A 121 -18.43 14.03 -15.17
C PRO A 121 -17.31 14.86 -14.51
N ARG A 122 -17.69 15.69 -13.52
CA ARG A 122 -16.73 16.57 -12.84
C ARG A 122 -16.85 16.54 -11.31
N PHE A 123 -15.78 16.93 -10.64
CA PHE A 123 -15.75 17.01 -9.18
C PHE A 123 -16.54 18.19 -8.64
N GLU A 124 -16.57 19.28 -9.42
CA GLU A 124 -17.30 20.50 -9.05
C GLU A 124 -18.81 20.24 -8.99
N ASN A 125 -19.26 19.17 -9.64
CA ASN A 125 -20.69 18.81 -9.67
C ASN A 125 -21.10 17.83 -8.55
N LEU A 126 -20.11 17.32 -7.82
CA LEU A 126 -20.33 16.38 -6.74
C LEU A 126 -20.28 17.07 -5.38
N ARG A 127 -21.01 16.52 -4.40
CA ARG A 127 -21.04 17.05 -3.03
C ARG A 127 -21.06 15.88 -2.07
N ILE A 128 -20.50 16.06 -0.87
CA ILE A 128 -20.59 15.00 0.13
C ILE A 128 -21.67 15.47 1.06
N ASP A 129 -22.56 14.56 1.41
CA ASP A 129 -23.62 14.85 2.34
C ASP A 129 -23.31 14.04 3.59
N PHE A 130 -23.13 14.74 4.70
CA PHE A 130 -22.91 14.14 6.00
C PHE A 130 -24.16 14.28 6.83
N GLY A 131 -25.12 15.05 6.32
CA GLY A 131 -26.38 15.27 7.03
C GLY A 131 -26.63 16.67 7.60
N PHE A 132 -25.75 17.63 7.32
CA PHE A 132 -25.93 18.98 7.85
C PHE A 132 -26.94 19.84 7.08
N SER A 133 -27.40 20.93 7.70
CA SER A 133 -28.35 21.83 7.09
C SER A 133 -27.74 23.22 6.87
N SER A 134 -26.64 23.51 7.58
CA SER A 134 -26.01 24.82 7.51
C SER A 134 -24.52 24.66 7.51
N ALA A 135 -23.81 25.69 7.06
CA ALA A 135 -22.35 25.71 7.07
C ALA A 135 -21.87 25.71 8.52
N ASP A 136 -22.57 26.45 9.38
CA ASP A 136 -22.25 26.54 10.80
C ASP A 136 -22.31 25.18 11.51
N GLU A 137 -23.33 24.37 11.20
CA GLU A 137 -23.43 23.02 11.76
C GLU A 137 -22.29 22.13 11.29
N ALA A 138 -21.97 22.21 10.00
CA ALA A 138 -20.93 21.38 9.38
C ALA A 138 -19.57 21.67 9.99
N LYS A 139 -19.32 22.95 10.29
CA LYS A 139 -18.02 23.38 10.83
C LYS A 139 -17.64 22.81 12.19
N LYS A 140 -18.64 22.47 13.01
CA LYS A 140 -18.38 21.84 14.30
C LYS A 140 -17.70 20.48 14.15
N TYR A 141 -17.84 19.85 12.97
CA TYR A 141 -17.24 18.53 12.72
C TYR A 141 -16.19 18.51 11.63
N VAL A 142 -16.35 19.43 10.67
CA VAL A 142 -15.57 19.44 9.45
C VAL A 142 -14.89 20.74 9.12
N SER A 143 -13.76 20.68 8.40
CA SER A 143 -13.04 21.90 7.99
C SER A 143 -12.34 21.77 6.63
N ILE A 144 -12.22 22.89 5.91
CA ILE A 144 -11.50 22.96 4.64
C ILE A 144 -10.12 22.38 4.91
N GLY A 145 -9.70 21.44 4.06
CA GLY A 145 -8.40 20.83 4.22
C GLY A 145 -8.39 19.47 4.85
N ASP A 146 -9.52 19.05 5.43
CA ASP A 146 -9.60 17.71 6.01
C ASP A 146 -9.55 16.66 4.92
N TYR A 147 -9.04 15.49 5.28
CA TYR A 147 -8.93 14.38 4.35
C TYR A 147 -10.15 13.46 4.42
N VAL A 148 -10.63 13.11 3.24
CA VAL A 148 -11.82 12.29 3.06
C VAL A 148 -11.40 10.93 2.53
N SER A 149 -11.75 9.86 3.21
CA SER A 149 -11.41 8.55 2.68
C SER A 149 -12.67 7.75 2.38
N PHE A 150 -12.55 6.73 1.54
CA PHE A 150 -13.67 5.85 1.28
C PHE A 150 -13.96 5.04 2.52
N VAL A 151 -15.20 4.63 2.66
CA VAL A 151 -15.58 3.76 3.77
C VAL A 151 -15.77 2.37 3.16
N SER A 152 -15.20 1.36 3.80
CA SER A 152 -15.36 0.01 3.33
C SER A 152 -15.16 -0.97 4.46
N ASP A 153 -15.82 -2.11 4.31
CA ASP A 153 -15.75 -3.20 5.24
C ASP A 153 -14.65 -4.12 4.73
N TYR A 154 -14.26 -5.08 5.53
CA TYR A 154 -13.28 -6.06 5.11
C TYR A 154 -13.88 -7.42 5.37
N ILE A 155 -14.11 -8.19 4.32
CA ILE A 155 -14.66 -9.53 4.47
C ILE A 155 -13.69 -10.55 3.92
N GLU A 156 -13.57 -11.66 4.62
CA GLU A 156 -12.60 -12.67 4.27
C GLU A 156 -13.27 -14.05 4.34
N LYS A 157 -13.35 -14.76 3.21
CA LYS A 157 -13.88 -16.14 3.27
C LYS A 157 -13.37 -17.01 2.15
N ASN A 158 -13.11 -18.27 2.50
CA ASN A 158 -12.66 -19.27 1.53
C ASN A 158 -11.44 -18.81 0.75
N GLY A 159 -10.52 -18.22 1.49
CA GLY A 159 -9.24 -17.80 0.96
C GLY A 159 -9.20 -16.51 0.18
N ARG A 160 -10.30 -15.78 0.13
CA ARG A 160 -10.31 -14.52 -0.63
C ARG A 160 -10.73 -13.45 0.35
N ALA A 161 -10.18 -12.24 0.20
CA ALA A 161 -10.54 -11.13 1.06
C ALA A 161 -10.90 -9.94 0.19
N VAL A 162 -11.88 -9.17 0.64
CA VAL A 162 -12.38 -8.00 -0.10
C VAL A 162 -12.33 -6.80 0.83
N GLY A 163 -11.84 -5.68 0.32
CA GLY A 163 -11.74 -4.45 1.10
C GLY A 163 -11.06 -3.39 0.27
N LYS A 164 -10.83 -2.23 0.87
CA LYS A 164 -10.21 -1.15 0.15
C LYS A 164 -8.75 -1.04 0.52
N ALA A 165 -8.06 -0.19 -0.23
CA ALA A 165 -6.66 0.18 -0.04
C ALA A 165 -5.73 -1.03 0.06
N PHE A 166 -6.07 -2.15 -0.56
CA PHE A 166 -5.15 -3.32 -0.53
C PHE A 166 -3.82 -2.89 -1.18
N ASP A 167 -3.92 -1.94 -2.11
CA ASP A 167 -2.77 -1.25 -2.70
C ASP A 167 -2.59 0.06 -1.89
N ASP A 168 -1.65 0.10 -0.94
CA ASP A 168 -0.70 -0.98 -0.62
C ASP A 168 -0.75 -1.45 0.85
N ARG A 169 -1.94 -1.43 1.44
CA ARG A 169 -2.06 -1.90 2.82
C ARG A 169 -1.75 -3.41 2.92
N ALA A 170 -1.89 -4.18 1.83
CA ALA A 170 -1.50 -5.62 1.91
C ALA A 170 0.01 -5.72 1.99
N GLY A 171 0.72 -4.85 1.26
CA GLY A 171 2.19 -4.80 1.30
C GLY A 171 2.69 -4.46 2.70
N CYS A 172 2.05 -3.49 3.35
CA CYS A 172 2.39 -3.10 4.74
C CYS A 172 2.17 -4.27 5.69
N SER A 173 1.04 -4.96 5.50
CA SER A 173 0.67 -6.10 6.33
C SER A 173 1.70 -7.24 6.18
N VAL A 174 2.15 -7.46 4.96
CA VAL A 174 3.17 -8.45 4.67
C VAL A 174 4.43 -8.18 5.48
N LEU A 175 4.87 -6.91 5.53
CA LEU A 175 6.07 -6.51 6.25
C LEU A 175 5.92 -6.72 7.74
N ILE A 176 4.78 -6.30 8.27
CA ILE A 176 4.45 -6.52 9.68
C ILE A 176 4.42 -8.01 10.02
N ASP A 177 3.88 -8.84 9.11
CA ASP A 177 3.81 -10.30 9.35
C ASP A 177 5.18 -10.96 9.29
N VAL A 178 6.06 -10.46 8.42
CA VAL A 178 7.42 -10.99 8.33
C VAL A 178 8.09 -10.73 9.66
N LEU A 179 7.90 -9.52 10.18
CA LEU A 179 8.49 -9.14 11.47
C LEU A 179 7.89 -9.92 12.64
N GLU A 180 6.57 -10.09 12.63
CA GLU A 180 5.92 -10.87 13.70
C GLU A 180 6.33 -12.33 13.69
N SER A 181 6.67 -12.86 12.51
CA SER A 181 7.05 -14.26 12.40
C SER A 181 8.44 -14.50 12.96
N GLY A 182 9.12 -13.43 13.36
CA GLY A 182 10.50 -13.52 13.87
C GLY A 182 11.42 -13.77 12.68
N VAL A 183 12.14 -12.74 12.25
CA VAL A 183 13.04 -12.82 11.11
C VAL A 183 14.49 -12.57 11.55
N SER A 184 15.42 -13.43 11.11
CA SER A 184 16.86 -13.29 11.40
C SER A 184 17.56 -12.89 10.09
N PRO A 185 17.63 -11.56 9.78
CA PRO A 185 18.20 -11.10 8.50
C PRO A 185 19.67 -11.39 8.34
N ALA A 186 20.10 -11.62 7.11
CA ALA A 186 21.52 -11.86 6.84
C ALA A 186 22.29 -10.55 6.96
N TYR A 187 21.68 -9.44 6.51
CA TYR A 187 22.25 -8.10 6.52
C TYR A 187 21.29 -7.11 7.17
N ASP A 188 21.82 -6.00 7.67
CA ASP A 188 20.99 -4.99 8.27
C ASP A 188 19.84 -4.73 7.33
N THR A 189 18.61 -4.93 7.81
CA THR A 189 17.46 -4.78 6.94
C THR A 189 16.54 -3.70 7.46
N TYR A 190 16.28 -2.70 6.63
CA TYR A 190 15.35 -1.64 7.00
C TYR A 190 13.98 -1.91 6.36
N PHE A 191 12.95 -1.97 7.19
CA PHE A 191 11.59 -2.11 6.72
C PHE A 191 11.03 -0.70 6.72
N VAL A 192 10.71 -0.20 5.54
CA VAL A 192 10.23 1.18 5.43
C VAL A 192 8.77 1.25 4.99
N PHE A 193 7.99 2.12 5.66
CA PHE A 193 6.57 2.27 5.37
C PHE A 193 6.48 3.74 4.94
N THR A 194 6.20 3.95 3.67
CA THR A 194 6.35 5.27 3.10
C THR A 194 5.09 6.09 3.05
N VAL A 195 5.29 7.37 2.78
CA VAL A 195 4.21 8.31 2.72
C VAL A 195 4.34 9.05 1.40
N GLN A 196 3.31 9.77 0.98
CA GLN A 196 3.49 10.67 -0.15
C GLN A 196 4.09 11.98 0.38
N GLU A 197 5.18 12.43 -0.25
CA GLU A 197 5.83 13.69 0.14
C GLU A 197 5.36 14.85 -0.75
N GLU A 198 5.70 16.08 -0.35
CA GLU A 198 5.35 17.27 -1.13
C GLU A 198 6.47 17.62 -2.11
N SER A 204 12.10 10.19 -1.97
CA SER A 204 12.80 8.90 -1.99
C SER A 204 14.30 9.08 -2.16
N ALA A 205 14.68 10.22 -2.76
CA ALA A 205 16.08 10.58 -2.89
C ALA A 205 16.60 10.76 -1.47
N VAL A 206 15.67 11.11 -0.57
CA VAL A 206 15.93 11.30 0.85
C VAL A 206 16.16 9.96 1.57
N VAL A 207 15.21 9.03 1.48
CA VAL A 207 15.32 7.74 2.16
C VAL A 207 16.57 6.97 1.74
N VAL A 208 16.87 6.99 0.45
CA VAL A 208 18.07 6.35 -0.07
C VAL A 208 19.34 7.09 0.34
N GLU A 209 19.29 8.43 0.33
CA GLU A 209 20.45 9.21 0.75
C GLU A 209 20.73 9.01 2.23
N GLN A 210 19.68 8.89 3.05
CA GLN A 210 19.87 8.69 4.48
C GLN A 210 20.27 7.26 4.85
N LEU A 211 19.75 6.25 4.15
CA LEU A 211 20.07 4.86 4.51
C LEU A 211 21.16 4.22 3.66
N LYS A 212 21.39 4.75 2.47
CA LYS A 212 22.42 4.21 1.58
C LYS A 212 22.37 2.67 1.50
N PRO A 213 21.24 2.11 1.01
CA PRO A 213 21.12 0.65 0.91
C PRO A 213 21.92 0.06 -0.24
N THR A 214 22.36 -1.20 -0.10
CA THR A 214 23.04 -1.90 -1.20
C THR A 214 21.98 -2.18 -2.29
N CYS A 215 20.79 -2.57 -1.85
CA CYS A 215 19.68 -2.83 -2.76
C CYS A 215 18.36 -2.81 -2.00
N ALA A 216 17.26 -2.79 -2.76
CA ALA A 216 15.91 -2.68 -2.23
C ALA A 216 14.94 -3.70 -2.82
N ILE A 217 13.92 -4.06 -2.05
CA ILE A 217 12.84 -4.92 -2.50
C ILE A 217 11.61 -4.07 -2.26
N VAL A 218 10.86 -3.74 -3.31
CA VAL A 218 9.61 -3.00 -3.14
C VAL A 218 8.45 -4.01 -3.15
N VAL A 219 7.63 -4.01 -2.09
CA VAL A 219 6.48 -4.89 -1.95
C VAL A 219 5.23 -4.08 -2.31
N GLU A 220 4.64 -4.42 -3.46
CA GLU A 220 3.43 -3.75 -3.92
C GLU A 220 2.28 -4.72 -4.10
N THR A 221 1.15 -4.16 -4.49
CA THR A 221 -0.07 -4.87 -4.82
C THR A 221 -0.36 -4.42 -6.24
N THR A 222 -0.65 -5.36 -7.14
CA THR A 222 -0.91 -5.02 -8.53
C THR A 222 -2.37 -5.39 -8.79
N THR A 223 -3.19 -4.42 -9.18
CA THR A 223 -4.61 -4.66 -9.32
C THR A 223 -5.10 -4.75 -10.78
N ALA A 224 -5.75 -5.87 -11.08
CA ALA A 224 -6.35 -6.12 -12.39
C ALA A 224 -7.85 -5.85 -12.38
N GLY A 225 -8.42 -5.69 -13.56
CA GLY A 225 -9.85 -5.45 -13.71
C GLY A 225 -10.25 -3.99 -13.60
N ASP A 226 -9.27 -3.11 -13.83
CA ASP A 226 -9.47 -1.66 -13.79
C ASP A 226 -10.62 -1.23 -14.70
N ASN A 227 -10.59 -1.68 -15.96
CA ASN A 227 -11.63 -1.39 -16.94
C ASN A 227 -12.44 -2.67 -17.20
N PRO A 228 -13.67 -2.75 -16.64
CA PRO A 228 -14.55 -3.91 -16.80
C PRO A 228 -14.98 -4.19 -18.26
N GLU A 229 -15.25 -3.13 -19.02
CA GLU A 229 -15.68 -3.26 -20.43
C GLU A 229 -14.61 -3.88 -21.36
N LEU A 230 -13.34 -3.64 -21.06
CA LEU A 230 -12.22 -4.16 -21.88
C LEU A 230 -11.20 -4.95 -21.05
N GLU A 231 -11.66 -5.53 -19.94
CA GLU A 231 -10.81 -6.29 -19.02
C GLU A 231 -10.19 -7.55 -19.62
N GLU A 232 -8.98 -7.88 -19.16
CA GLU A 232 -8.27 -9.06 -19.62
C GLU A 232 -8.28 -10.13 -18.53
N ARG A 233 -9.06 -11.19 -18.74
CA ARG A 233 -9.20 -12.28 -17.77
C ARG A 233 -8.26 -13.47 -18.01
N LYS A 234 -7.48 -13.42 -19.09
CA LYS A 234 -6.56 -14.51 -19.39
C LYS A 234 -5.08 -14.10 -19.39
N TRP A 235 -4.77 -12.96 -20.00
CA TRP A 235 -3.38 -12.45 -20.04
C TRP A 235 -3.16 -11.33 -18.99
N ALA A 236 -3.23 -11.71 -17.72
CA ALA A 236 -3.07 -10.77 -16.62
C ALA A 236 -2.43 -11.47 -15.45
N THR A 237 -2.14 -10.71 -14.39
CA THR A 237 -1.58 -11.24 -13.17
C THR A 237 -2.78 -11.83 -12.44
N HIS A 238 -2.73 -13.11 -12.11
CA HIS A 238 -3.92 -13.72 -11.52
C HIS A 238 -3.94 -14.06 -10.06
N LEU A 239 -5.12 -13.92 -9.46
CA LEU A 239 -5.35 -14.34 -8.07
C LEU A 239 -5.11 -15.84 -8.03
N GLY A 240 -4.35 -16.30 -7.05
CA GLY A 240 -4.10 -17.72 -6.89
C GLY A 240 -2.81 -18.23 -7.51
N ASP A 241 -2.26 -17.52 -8.48
CA ASP A 241 -1.00 -17.93 -9.14
C ASP A 241 0.30 -17.52 -8.43
N GLY A 242 0.18 -16.89 -7.25
CA GLY A 242 1.34 -16.50 -6.44
C GLY A 242 1.79 -15.05 -6.59
N PRO A 243 2.78 -14.63 -5.80
CA PRO A 243 3.28 -13.28 -5.97
C PRO A 243 3.87 -13.10 -7.37
N ALA A 244 3.69 -11.90 -7.93
CA ALA A 244 4.20 -11.52 -9.24
C ALA A 244 5.59 -10.93 -9.10
N ILE A 245 6.52 -11.35 -9.95
CA ILE A 245 7.90 -10.86 -9.91
C ILE A 245 8.06 -9.94 -11.12
N THR A 246 8.27 -8.64 -10.86
CA THR A 246 8.42 -7.67 -11.92
C THR A 246 9.75 -7.81 -12.67
N PHE A 247 9.69 -7.78 -13.99
CA PHE A 247 10.88 -7.88 -14.84
C PHE A 247 11.37 -6.49 -15.25
N TYR A 248 10.44 -5.60 -15.57
CA TYR A 248 10.73 -4.24 -15.94
C TYR A 248 9.72 -3.33 -15.24
N HIS A 249 10.19 -2.21 -14.70
CA HIS A 249 9.32 -1.31 -13.94
C HIS A 249 9.41 0.15 -14.38
N ARG A 250 10.50 0.53 -15.04
CA ARG A 250 10.75 1.91 -15.53
C ARG A 250 11.01 2.91 -14.40
N GLY A 251 10.46 2.63 -13.23
CA GLY A 251 10.66 3.44 -12.04
C GLY A 251 11.81 2.92 -11.19
N TYR A 252 12.09 1.62 -11.32
CA TYR A 252 13.18 0.97 -10.57
C TYR A 252 14.15 0.22 -11.47
N VAL A 253 15.46 0.35 -11.19
CA VAL A 253 16.47 -0.36 -11.93
C VAL A 253 16.47 -1.78 -11.37
N ILE A 254 15.90 -2.71 -12.12
CA ILE A 254 15.82 -4.15 -11.79
C ILE A 254 16.79 -4.97 -12.63
N PRO A 255 18.05 -5.07 -12.18
CA PRO A 255 19.07 -5.82 -12.88
C PRO A 255 18.70 -7.29 -12.97
N LYS A 256 19.20 -7.96 -14.01
CA LYS A 256 18.90 -9.37 -14.22
C LYS A 256 19.26 -10.20 -12.99
N GLU A 257 20.38 -9.87 -12.35
CA GLU A 257 20.89 -10.59 -11.19
C GLU A 257 19.88 -10.66 -10.07
N ILE A 258 19.21 -9.54 -9.83
CA ILE A 258 18.20 -9.45 -8.80
C ILE A 258 16.94 -10.20 -9.23
N PHE A 259 16.47 -9.96 -10.46
CA PHE A 259 15.28 -10.66 -10.94
C PHE A 259 15.45 -12.16 -10.76
N GLN A 260 16.59 -12.68 -11.22
CA GLN A 260 16.88 -14.11 -11.20
C GLN A 260 17.03 -14.67 -9.80
N THR A 261 17.61 -13.90 -8.88
CA THR A 261 17.75 -14.32 -7.49
C THR A 261 16.38 -14.55 -6.87
N ILE A 262 15.47 -13.61 -7.15
CA ILE A 262 14.13 -13.72 -6.62
C ILE A 262 13.41 -14.96 -7.16
N VAL A 263 13.51 -15.15 -8.47
CA VAL A 263 12.90 -16.31 -9.12
C VAL A 263 13.48 -17.62 -8.60
N ASP A 264 14.80 -17.69 -8.51
CA ASP A 264 15.45 -18.92 -8.03
C ASP A 264 15.09 -19.20 -6.58
N THR A 265 15.03 -18.15 -5.75
CA THR A 265 14.65 -18.26 -4.34
C THR A 265 13.26 -18.85 -4.23
N ALA A 266 12.35 -18.38 -5.08
CA ALA A 266 11.00 -18.90 -5.13
C ALA A 266 10.98 -20.37 -5.50
N LYS A 267 11.64 -20.72 -6.63
CA LYS A 267 11.68 -22.09 -7.12
C LYS A 267 12.31 -23.06 -6.15
N ASN A 268 13.38 -22.63 -5.48
CA ASN A 268 14.10 -23.51 -4.54
C ASN A 268 13.39 -23.63 -3.20
N ASN A 269 12.42 -22.76 -2.95
CA ASN A 269 11.67 -22.85 -1.71
C ASN A 269 10.23 -23.33 -1.92
N ASP A 270 9.94 -23.76 -3.15
CA ASP A 270 8.61 -24.28 -3.53
C ASP A 270 7.51 -23.24 -3.31
N ILE A 271 7.83 -21.98 -3.64
CA ILE A 271 6.89 -20.88 -3.49
C ILE A 271 6.36 -20.56 -4.89
N PRO A 272 5.03 -20.65 -5.08
CA PRO A 272 4.43 -20.32 -6.37
C PRO A 272 4.63 -18.87 -6.68
N PHE A 273 4.90 -18.55 -7.95
CA PHE A 273 5.07 -17.16 -8.34
C PHE A 273 4.61 -17.06 -9.76
N GLN A 274 4.43 -15.83 -10.23
CA GLN A 274 4.06 -15.62 -11.63
C GLN A 274 4.81 -14.40 -12.11
N LYS A 276 4.87 -10.71 -13.77
CA LYS A 276 4.02 -9.57 -13.66
C LYS A 276 3.48 -9.24 -15.05
N ARG A 277 2.16 -9.26 -15.22
CA ARG A 277 1.49 -8.90 -16.47
C ARG A 277 0.53 -7.79 -16.18
N ARG A 278 0.74 -6.62 -16.78
CA ARG A 278 -0.13 -5.48 -16.56
C ARG A 278 -0.68 -4.99 -17.89
N THR A 279 -1.99 -4.80 -17.98
CA THR A 279 -2.64 -4.31 -19.23
C THR A 279 -2.38 -2.82 -19.51
N TYR A 293 14.59 5.16 -6.81
CA TYR A 293 15.55 5.04 -5.70
C TYR A 293 17.01 5.31 -6.09
N GLY A 294 17.46 4.74 -7.20
CA GLY A 294 18.84 4.89 -7.65
C GLY A 294 19.73 3.71 -7.27
N VAL A 295 19.16 2.74 -6.55
CA VAL A 295 19.88 1.54 -6.17
C VAL A 295 19.21 0.33 -6.84
N PRO A 296 19.98 -0.75 -7.09
CA PRO A 296 19.43 -1.97 -7.67
C PRO A 296 18.23 -2.40 -6.85
N ALA A 297 17.11 -2.69 -7.50
CA ALA A 297 15.91 -3.09 -6.78
C ALA A 297 15.17 -4.21 -7.45
N GLY A 298 14.33 -4.87 -6.66
CA GLY A 298 13.43 -5.89 -7.14
C GLY A 298 12.04 -5.42 -6.72
N VAL A 299 11.02 -5.87 -7.46
CA VAL A 299 9.63 -5.56 -7.10
C VAL A 299 8.86 -6.87 -7.05
N ILE A 300 8.14 -7.07 -5.94
CA ILE A 300 7.30 -8.22 -5.73
C ILE A 300 5.87 -7.74 -5.41
N SER A 301 4.89 -8.29 -6.11
CA SER A 301 3.53 -7.85 -5.91
C SER A 301 2.54 -8.95 -5.58
N THR A 302 1.64 -8.67 -4.65
CA THR A 302 0.51 -9.52 -4.37
C THR A 302 -0.55 -9.15 -5.42
N PRO A 303 -1.08 -10.15 -6.16
CA PRO A 303 -2.15 -9.84 -7.13
C PRO A 303 -3.44 -9.41 -6.41
N ALA A 304 -4.19 -8.51 -7.05
CA ALA A 304 -5.49 -8.08 -6.54
C ALA A 304 -6.36 -7.93 -7.78
N ARG A 305 -7.68 -8.02 -7.62
CA ARG A 305 -8.59 -7.80 -8.74
C ARG A 305 -9.72 -6.90 -8.28
N TYR A 306 -10.05 -5.87 -9.05
CA TYR A 306 -11.17 -4.99 -8.63
C TYR A 306 -12.50 -5.74 -8.64
N ILE A 307 -13.37 -5.36 -7.72
CA ILE A 307 -14.73 -5.89 -7.71
C ILE A 307 -15.67 -4.68 -7.87
N HIS A 308 -15.71 -3.79 -6.90
CA HIS A 308 -16.50 -2.59 -7.09
C HIS A 308 -15.70 -1.47 -6.45
N SER A 309 -14.80 -0.86 -7.22
CA SER A 309 -13.93 0.23 -6.73
C SER A 309 -14.75 1.09 -5.75
N PRO A 310 -14.21 1.39 -4.54
CA PRO A 310 -12.88 1.23 -3.93
C PRO A 310 -12.38 -0.19 -3.65
N ASN A 311 -13.26 -1.16 -3.64
CA ASN A 311 -12.84 -2.52 -3.27
C ASN A 311 -12.11 -3.36 -4.30
N SER A 312 -11.23 -4.21 -3.80
CA SER A 312 -10.58 -5.21 -4.63
C SER A 312 -10.46 -6.49 -3.83
N ILE A 313 -9.94 -7.53 -4.46
CA ILE A 313 -9.87 -8.86 -3.87
C ILE A 313 -8.46 -9.38 -3.87
N ILE A 314 -8.01 -9.96 -2.76
CA ILE A 314 -6.74 -10.66 -2.77
C ILE A 314 -6.97 -12.12 -2.38
N ASP A 315 -6.06 -12.99 -2.81
CA ASP A 315 -6.14 -14.39 -2.49
C ASP A 315 -5.16 -14.54 -1.33
N LEU A 316 -5.63 -15.11 -0.23
CA LEU A 316 -4.78 -15.29 0.95
C LEU A 316 -3.61 -16.26 0.76
N ASN A 317 -3.72 -17.23 -0.15
CA ASN A 317 -2.57 -18.08 -0.42
C ASN A 317 -1.46 -17.26 -1.09
N ASP A 318 -1.84 -16.35 -1.98
CA ASP A 318 -0.87 -15.48 -2.63
C ASP A 318 -0.20 -14.59 -1.59
N TYR A 319 -1.00 -13.98 -0.73
CA TYR A 319 -0.50 -13.16 0.36
C TYR A 319 0.56 -13.91 1.20
N GLU A 320 0.27 -15.16 1.55
CA GLU A 320 1.15 -15.98 2.35
C GLU A 320 2.44 -16.30 1.64
N ASN A 321 2.36 -16.52 0.34
CA ASN A 321 3.54 -16.82 -0.46
C ASN A 321 4.43 -15.61 -0.66
N THR A 322 3.81 -14.43 -0.73
CA THR A 322 4.54 -13.17 -0.81
C THR A 322 5.34 -13.00 0.49
N LYS A 323 4.66 -13.18 1.63
CA LYS A 323 5.30 -13.11 2.93
C LYS A 323 6.44 -14.15 3.03
N LYS A 324 6.20 -15.38 2.58
CA LYS A 324 7.25 -16.42 2.61
C LYS A 324 8.45 -15.98 1.80
N LEU A 325 8.22 -15.51 0.58
CA LEU A 325 9.29 -15.07 -0.31
C LEU A 325 10.13 -13.91 0.25
N ILE A 326 9.48 -12.90 0.81
CA ILE A 326 10.18 -11.78 1.42
C ILE A 326 11.03 -12.29 2.60
N LYS A 327 10.49 -13.19 3.40
CA LYS A 327 11.23 -13.67 4.57
C LYS A 327 12.52 -14.40 4.17
N VAL A 328 12.43 -15.27 3.16
CA VAL A 328 13.58 -16.01 2.64
C VAL A 328 14.60 -15.07 1.99
N LEU A 329 14.14 -14.08 1.22
CA LEU A 329 15.09 -13.12 0.62
C LEU A 329 15.88 -12.37 1.68
N VAL A 330 15.21 -12.05 2.80
CA VAL A 330 15.81 -11.35 3.92
C VAL A 330 16.80 -12.23 4.73
N GLU A 331 16.41 -13.47 5.00
CA GLU A 331 17.25 -14.34 5.79
C GLU A 331 18.47 -14.86 5.07
N GLU A 332 18.36 -15.08 3.77
CA GLU A 332 19.49 -15.59 2.98
C GLU A 332 20.48 -14.52 2.56
N GLY A 333 20.00 -13.33 2.22
CA GLY A 333 20.88 -12.24 1.82
C GLY A 333 21.52 -12.37 0.43
N LYS A 334 21.15 -13.39 -0.31
CA LYS A 334 21.70 -13.60 -1.66
C LYS A 334 21.39 -12.42 -2.58
N ILE A 335 20.25 -11.78 -2.34
CA ILE A 335 19.85 -10.64 -3.13
C ILE A 335 20.79 -9.46 -2.92
N VAL A 336 21.39 -9.38 -1.73
CA VAL A 336 22.35 -8.33 -1.42
C VAL A 336 23.70 -8.73 -2.01
N GLU A 337 24.08 -9.99 -1.82
CA GLU A 337 25.35 -10.47 -2.31
C GLU A 337 25.52 -10.39 -3.84
N VAL A 338 24.44 -10.57 -4.61
CA VAL A 338 24.54 -10.53 -6.08
C VAL A 338 24.84 -9.15 -6.71
N VAL A 339 24.67 -8.08 -5.94
CA VAL A 339 24.91 -6.74 -6.48
C VAL A 339 26.05 -6.03 -5.79
N SER A 340 26.90 -6.81 -5.10
CA SER A 340 28.05 -6.27 -4.38
C SER A 340 29.20 -7.27 -4.37
#